data_2MW0
#
_entry.id   2MW0
#
_entity_poly.entity_id   1
_entity_poly.type   'polypeptide(L)'
_entity_poly.pdbx_seq_one_letter_code
;SWPICKRNGLPVCGETCTLGTCSTQGCTC
;
_entity_poly.pdbx_strand_id   A
#
# COMPACT_ATOMS: atom_id res chain seq x y z
N SER A 1 -3.33 0.04 3.95
CA SER A 1 -3.99 1.12 4.66
C SER A 1 -4.48 2.19 3.69
N TRP A 2 -5.37 1.80 2.79
CA TRP A 2 -5.92 2.73 1.80
C TRP A 2 -6.35 4.03 2.46
N PRO A 3 -6.03 5.15 1.80
CA PRO A 3 -5.32 5.15 0.51
C PRO A 3 -3.87 4.70 0.66
N ILE A 4 -3.22 5.15 1.73
CA ILE A 4 -1.83 4.80 1.99
C ILE A 4 -1.59 3.31 1.77
N CYS A 5 -0.34 2.95 1.49
CA CYS A 5 0.03 1.56 1.27
C CYS A 5 1.09 1.11 2.27
N LYS A 6 0.93 -0.11 2.78
CA LYS A 6 1.88 -0.66 3.75
C LYS A 6 1.99 -2.18 3.59
N ARG A 7 3.22 -2.68 3.63
CA ARG A 7 3.46 -4.11 3.50
C ARG A 7 3.15 -4.84 4.80
N ASN A 8 4.06 -4.69 5.77
CA ASN A 8 3.88 -5.34 7.07
C ASN A 8 3.30 -4.37 8.09
N GLY A 9 2.60 -3.35 7.59
CA GLY A 9 2.01 -2.36 8.48
C GLY A 9 2.91 -1.18 8.73
N LEU A 10 3.91 -1.00 7.87
CA LEU A 10 4.85 0.11 8.00
C LEU A 10 5.02 0.84 6.68
N PRO A 11 5.37 2.13 6.75
CA PRO A 11 5.57 2.97 5.57
C PRO A 11 6.82 2.58 4.78
N VAL A 12 6.74 1.46 4.07
CA VAL A 12 7.86 0.97 3.28
C VAL A 12 7.54 1.02 1.79
N CYS A 13 6.26 0.90 1.45
CA CYS A 13 5.82 0.93 0.07
C CYS A 13 5.91 2.34 -0.50
N GLY A 14 5.65 3.34 0.34
CA GLY A 14 5.73 4.72 -0.11
C GLY A 14 4.86 4.98 -1.32
N GLU A 15 3.60 4.55 -1.26
CA GLU A 15 2.68 4.75 -2.37
C GLU A 15 1.25 4.89 -1.88
N THR A 16 0.36 5.36 -2.75
CA THR A 16 -1.03 5.55 -2.39
C THR A 16 -1.96 4.89 -3.42
N CYS A 17 -2.66 3.86 -3.00
CA CYS A 17 -3.58 3.14 -3.88
C CYS A 17 -4.95 3.80 -3.88
N THR A 18 -5.54 3.94 -5.07
CA THR A 18 -6.85 4.55 -5.21
C THR A 18 -7.84 3.59 -5.87
N LEU A 19 -7.53 2.30 -5.82
CA LEU A 19 -8.40 1.29 -6.40
C LEU A 19 -8.51 0.07 -5.48
N GLY A 20 -8.15 0.25 -4.21
CA GLY A 20 -8.23 -0.83 -3.26
C GLY A 20 -7.15 -1.87 -3.47
N THR A 21 -5.95 -1.41 -3.81
CA THR A 21 -4.83 -2.32 -4.05
C THR A 21 -3.56 -1.55 -4.41
N CYS A 22 -2.46 -1.89 -3.76
CA CYS A 22 -1.19 -1.23 -3.99
C CYS A 22 -0.69 -1.51 -5.41
N SER A 23 -0.01 -0.53 -6.00
CA SER A 23 0.52 -0.67 -7.35
C SER A 23 1.58 -1.77 -7.41
N THR A 24 2.23 -2.02 -6.29
CA THR A 24 3.26 -3.05 -6.21
C THR A 24 2.66 -4.42 -5.92
N GLN A 25 3.52 -5.44 -5.88
CA GLN A 25 3.07 -6.79 -5.61
C GLN A 25 3.64 -7.31 -4.30
N GLY A 26 2.88 -7.13 -3.22
CA GLY A 26 3.34 -7.59 -1.91
C GLY A 26 2.88 -6.67 -0.79
N CYS A 27 2.46 -5.46 -1.15
CA CYS A 27 1.99 -4.49 -0.17
C CYS A 27 0.49 -4.60 0.05
N THR A 28 0.01 -4.04 1.15
CA THR A 28 -1.40 -4.07 1.47
C THR A 28 -1.91 -2.71 1.93
N CYS A 29 -2.83 -2.14 1.17
CA CYS A 29 -3.40 -0.83 1.49
C CYS A 29 -3.89 -0.80 2.93
N SER A 1 -3.61 0.01 3.96
CA SER A 1 -4.27 1.09 4.67
C SER A 1 -4.71 2.19 3.71
N TRP A 2 -5.57 1.83 2.77
CA TRP A 2 -6.07 2.79 1.79
C TRP A 2 -6.50 4.08 2.46
N PRO A 3 -6.16 5.22 1.84
CA PRO A 3 -5.39 5.24 0.59
C PRO A 3 -3.96 4.78 0.77
N ILE A 4 -3.34 5.20 1.87
CA ILE A 4 -1.97 4.83 2.17
C ILE A 4 -1.73 3.35 1.93
N CYS A 5 -0.47 2.97 1.70
CA CYS A 5 -0.12 1.58 1.45
C CYS A 5 0.99 1.14 2.40
N LYS A 6 0.90 -0.12 2.85
CA LYS A 6 1.90 -0.67 3.78
C LYS A 6 2.04 -2.18 3.57
N ARG A 7 3.27 -2.66 3.67
CA ARG A 7 3.55 -4.08 3.49
C ARG A 7 3.29 -4.84 4.79
N ASN A 8 4.13 -4.61 5.79
CA ASN A 8 3.99 -5.28 7.08
C ASN A 8 3.49 -4.31 8.14
N GLY A 9 2.67 -3.36 7.73
CA GLY A 9 2.13 -2.38 8.66
C GLY A 9 3.05 -1.19 8.84
N LEU A 10 3.97 -1.02 7.91
CA LEU A 10 4.92 0.09 7.96
C LEU A 10 5.06 0.77 6.60
N PRO A 11 5.41 2.07 6.62
CA PRO A 11 5.59 2.84 5.39
C PRO A 11 6.82 2.42 4.60
N VAL A 12 6.71 1.28 3.92
CA VAL A 12 7.80 0.76 3.11
C VAL A 12 7.39 0.59 1.66
N CYS A 13 6.34 1.29 1.26
CA CYS A 13 5.85 1.22 -0.11
C CYS A 13 5.73 2.61 -0.72
N GLY A 14 5.27 3.57 0.07
CA GLY A 14 5.12 4.93 -0.40
C GLY A 14 4.32 5.00 -1.69
N GLU A 15 3.28 4.19 -1.79
CA GLU A 15 2.43 4.18 -2.97
C GLU A 15 0.95 4.15 -2.60
N THR A 16 0.42 5.31 -2.26
CA THR A 16 -0.99 5.42 -1.88
C THR A 16 -1.91 4.89 -2.98
N CYS A 17 -2.56 3.76 -2.69
CA CYS A 17 -3.46 3.14 -3.65
C CYS A 17 -4.80 3.88 -3.70
N THR A 18 -5.33 4.05 -4.91
CA THR A 18 -6.60 4.74 -5.09
C THR A 18 -7.61 3.86 -5.79
N LEU A 19 -7.36 2.54 -5.79
CA LEU A 19 -8.25 1.59 -6.43
C LEU A 19 -8.46 0.37 -5.54
N GLY A 20 -8.01 0.47 -4.30
CA GLY A 20 -8.16 -0.63 -3.36
C GLY A 20 -7.16 -1.74 -3.60
N THR A 21 -5.92 -1.35 -3.89
CA THR A 21 -4.86 -2.32 -4.15
C THR A 21 -3.54 -1.62 -4.47
N CYS A 22 -2.52 -1.88 -3.68
CA CYS A 22 -1.21 -1.27 -3.87
C CYS A 22 -0.71 -1.54 -5.30
N SER A 23 0.26 -0.74 -5.73
CA SER A 23 0.83 -0.88 -7.07
C SER A 23 1.78 -2.07 -7.13
N THR A 24 2.71 -2.12 -6.18
CA THR A 24 3.68 -3.20 -6.13
C THR A 24 3.00 -4.54 -5.87
N GLN A 25 3.80 -5.61 -5.86
CA GLN A 25 3.27 -6.95 -5.62
C GLN A 25 3.69 -7.46 -4.25
N GLY A 26 2.91 -7.12 -3.23
CA GLY A 26 3.22 -7.55 -1.88
C GLY A 26 2.67 -6.62 -0.82
N CYS A 27 2.64 -5.33 -1.14
CA CYS A 27 2.13 -4.33 -0.21
C CYS A 27 0.62 -4.38 -0.13
N THR A 28 0.07 -3.94 1.00
CA THR A 28 -1.37 -3.94 1.21
C THR A 28 -1.86 -2.57 1.65
N CYS A 29 -3.05 -2.19 1.18
CA CYS A 29 -3.63 -0.90 1.54
C CYS A 29 -4.12 -0.90 2.98
N SER A 1 -3.33 0.06 3.98
CA SER A 1 -4.00 1.15 4.69
C SER A 1 -4.48 2.22 3.72
N TRP A 2 -5.38 1.82 2.81
CA TRP A 2 -5.93 2.74 1.82
C TRP A 2 -6.35 4.05 2.47
N PRO A 3 -6.03 5.17 1.81
CA PRO A 3 -5.33 5.16 0.53
C PRO A 3 -3.87 4.72 0.66
N ILE A 4 -3.22 5.17 1.74
CA ILE A 4 -1.83 4.82 1.98
C ILE A 4 -1.60 3.32 1.78
N CYS A 5 -0.35 2.97 1.51
CA CYS A 5 0.01 1.56 1.29
C CYS A 5 1.08 1.11 2.29
N LYS A 6 0.93 -0.10 2.80
CA LYS A 6 1.87 -0.66 3.76
C LYS A 6 1.99 -2.17 3.61
N ARG A 7 3.22 -2.67 3.65
CA ARG A 7 3.46 -4.11 3.51
C ARG A 7 3.11 -4.84 4.81
N ASN A 8 3.98 -4.69 5.81
CA ASN A 8 3.76 -5.35 7.10
C ASN A 8 3.18 -4.36 8.11
N GLY A 9 2.53 -3.32 7.61
CA GLY A 9 1.94 -2.32 8.48
C GLY A 9 2.86 -1.15 8.74
N LEU A 10 3.85 -0.98 7.86
CA LEU A 10 4.81 0.12 8.00
C LEU A 10 5.00 0.84 6.68
N PRO A 11 5.37 2.13 6.75
CA PRO A 11 5.59 2.96 5.57
C PRO A 11 6.84 2.54 4.79
N VAL A 12 6.76 1.42 4.09
CA VAL A 12 7.88 0.91 3.30
C VAL A 12 7.58 0.96 1.82
N CYS A 13 6.29 0.86 1.47
CA CYS A 13 5.87 0.89 0.07
C CYS A 13 5.98 2.30 -0.49
N GLY A 14 5.66 3.29 0.32
CA GLY A 14 5.72 4.68 -0.12
C GLY A 14 4.87 4.93 -1.33
N GLU A 15 3.61 4.51 -1.27
CA GLU A 15 2.68 4.69 -2.38
C GLU A 15 1.25 4.86 -1.88
N THR A 16 0.37 5.31 -2.76
CA THR A 16 -1.03 5.51 -2.41
C THR A 16 -1.95 4.87 -3.42
N CYS A 17 -2.67 3.83 -2.99
CA CYS A 17 -3.59 3.12 -3.86
C CYS A 17 -4.96 3.78 -3.87
N THR A 18 -5.55 3.92 -5.05
CA THR A 18 -6.85 4.54 -5.19
C THR A 18 -7.85 3.60 -5.86
N LEU A 19 -7.54 2.30 -5.82
CA LEU A 19 -8.41 1.30 -6.42
C LEU A 19 -8.55 0.08 -5.50
N GLY A 20 -8.15 0.25 -4.24
CA GLY A 20 -8.24 -0.84 -3.29
C GLY A 20 -7.15 -1.87 -3.49
N THR A 21 -5.95 -1.43 -3.81
CA THR A 21 -4.82 -2.32 -4.03
C THR A 21 -3.55 -1.55 -4.39
N CYS A 22 -2.45 -1.90 -3.74
CA CYS A 22 -1.18 -1.22 -3.98
C CYS A 22 -0.68 -1.50 -5.41
N SER A 23 0.04 -0.54 -5.97
CA SER A 23 0.56 -0.67 -7.32
C SER A 23 1.57 -1.81 -7.41
N THR A 24 2.19 -2.12 -6.27
CA THR A 24 3.18 -3.19 -6.22
C THR A 24 2.52 -4.55 -5.98
N GLN A 25 3.32 -5.60 -5.94
CA GLN A 25 2.81 -6.95 -5.73
C GLN A 25 3.34 -7.53 -4.42
N GLY A 26 3.36 -6.71 -3.38
CA GLY A 26 3.85 -7.16 -2.09
C GLY A 26 3.50 -6.20 -0.97
N CYS A 27 2.42 -5.45 -1.16
CA CYS A 27 1.97 -4.48 -0.15
C CYS A 27 0.47 -4.60 0.08
N THR A 28 0.00 -4.02 1.18
CA THR A 28 -1.41 -4.06 1.52
C THR A 28 -1.91 -2.70 1.97
N CYS A 29 -2.85 -2.13 1.21
CA CYS A 29 -3.40 -0.82 1.53
C CYS A 29 -3.89 -0.78 2.97
N SER A 1 -3.27 0.07 3.95
CA SER A 1 -3.92 1.17 4.65
C SER A 1 -4.41 2.23 3.69
N TRP A 2 -5.31 1.85 2.79
CA TRP A 2 -5.86 2.76 1.81
C TRP A 2 -6.26 4.09 2.45
N PRO A 3 -5.94 5.20 1.77
CA PRO A 3 -5.24 5.17 0.48
C PRO A 3 -3.79 4.71 0.61
N ILE A 4 -3.12 5.17 1.67
CA ILE A 4 -1.73 4.80 1.91
C ILE A 4 -1.51 3.30 1.72
N CYS A 5 -0.27 2.92 1.44
CA CYS A 5 0.06 1.51 1.24
C CYS A 5 1.11 1.06 2.25
N LYS A 6 0.92 -0.14 2.79
CA LYS A 6 1.85 -0.70 3.77
C LYS A 6 1.97 -2.21 3.60
N ARG A 7 3.21 -2.71 3.58
CA ARG A 7 3.46 -4.13 3.43
C ARG A 7 3.18 -4.87 4.74
N ASN A 8 4.02 -4.62 5.74
CA ASN A 8 3.88 -5.27 7.04
C ASN A 8 3.33 -4.28 8.07
N GLY A 9 2.43 -3.41 7.63
CA GLY A 9 1.86 -2.42 8.53
C GLY A 9 2.79 -1.27 8.80
N LEU A 10 3.73 -1.03 7.90
CA LEU A 10 4.69 0.05 8.05
C LEU A 10 4.89 0.80 6.73
N PRO A 11 5.26 2.08 6.83
CA PRO A 11 5.48 2.93 5.66
C PRO A 11 6.73 2.53 4.88
N VAL A 12 6.63 1.43 4.15
CA VAL A 12 7.75 0.93 3.36
C VAL A 12 7.43 0.99 1.87
N CYS A 13 6.15 0.99 1.53
CA CYS A 13 5.72 1.04 0.14
C CYS A 13 5.91 2.44 -0.43
N GLY A 14 5.47 3.45 0.33
CA GLY A 14 5.61 4.82 -0.12
C GLY A 14 4.72 5.13 -1.31
N GLU A 15 3.61 4.39 -1.44
CA GLU A 15 2.68 4.60 -2.53
C GLU A 15 1.26 4.77 -2.01
N THR A 16 0.38 5.28 -2.87
CA THR A 16 -1.01 5.50 -2.50
C THR A 16 -1.96 4.86 -3.51
N CYS A 17 -2.67 3.83 -3.07
CA CYS A 17 -3.62 3.12 -3.92
C CYS A 17 -4.99 3.81 -3.90
N THR A 18 -5.60 3.93 -5.07
CA THR A 18 -6.91 4.55 -5.19
C THR A 18 -7.95 3.57 -5.73
N LEU A 19 -7.63 2.29 -5.64
CA LEU A 19 -8.53 1.25 -6.12
C LEU A 19 -8.58 0.08 -5.14
N GLY A 20 -8.12 0.31 -3.91
CA GLY A 20 -8.13 -0.73 -2.90
C GLY A 20 -7.12 -1.82 -3.19
N THR A 21 -5.94 -1.43 -3.66
CA THR A 21 -4.89 -2.38 -3.99
C THR A 21 -3.64 -1.67 -4.48
N CYS A 22 -2.53 -1.86 -3.76
CA CYS A 22 -1.26 -1.23 -4.12
C CYS A 22 -0.85 -1.62 -5.54
N SER A 23 0.23 -1.02 -6.02
CA SER A 23 0.73 -1.30 -7.37
C SER A 23 2.18 -1.74 -7.32
N THR A 24 2.54 -2.48 -6.28
CA THR A 24 3.90 -2.97 -6.11
C THR A 24 3.93 -4.48 -5.93
N GLN A 25 2.75 -5.10 -5.97
CA GLN A 25 2.64 -6.54 -5.80
C GLN A 25 3.38 -7.00 -4.55
N GLY A 26 2.67 -7.00 -3.43
CA GLY A 26 3.27 -7.42 -2.17
C GLY A 26 2.82 -6.58 -1.00
N CYS A 27 2.52 -5.32 -1.26
CA CYS A 27 2.06 -4.40 -0.21
C CYS A 27 0.58 -4.57 0.05
N THR A 28 0.09 -3.91 1.10
CA THR A 28 -1.32 -3.99 1.47
C THR A 28 -1.84 -2.64 1.92
N CYS A 29 -2.77 -2.07 1.16
CA CYS A 29 -3.36 -0.78 1.49
C CYS A 29 -3.85 -0.75 2.94
N SER A 1 -3.31 -0.01 3.94
CA SER A 1 -3.96 1.08 4.66
C SER A 1 -4.45 2.15 3.70
N TRP A 2 -5.34 1.76 2.80
CA TRP A 2 -5.90 2.69 1.82
C TRP A 2 -6.32 4.00 2.50
N PRO A 3 -6.01 5.12 1.84
CA PRO A 3 -5.32 5.13 0.55
C PRO A 3 -3.86 4.69 0.68
N ILE A 4 -3.21 5.12 1.76
CA ILE A 4 -1.81 4.78 2.00
C ILE A 4 -1.57 3.30 1.78
N CYS A 5 -0.32 2.94 1.50
CA CYS A 5 0.05 1.55 1.27
C CYS A 5 1.11 1.09 2.27
N LYS A 6 0.94 -0.12 2.78
CA LYS A 6 1.88 -0.68 3.75
C LYS A 6 1.99 -2.20 3.57
N ARG A 7 3.23 -2.69 3.62
CA ARG A 7 3.48 -4.12 3.46
C ARG A 7 3.24 -4.86 4.78
N ASN A 8 4.11 -4.60 5.77
CA ASN A 8 4.00 -5.23 7.07
C ASN A 8 3.45 -4.26 8.11
N GLY A 9 2.60 -3.35 7.66
CA GLY A 9 2.03 -2.37 8.56
C GLY A 9 2.94 -1.19 8.81
N LEU A 10 3.86 -0.95 7.88
CA LEU A 10 4.81 0.15 7.98
C LEU A 10 4.97 0.87 6.65
N PRO A 11 5.33 2.16 6.71
CA PRO A 11 5.53 2.98 5.51
C PRO A 11 6.78 2.58 4.74
N VAL A 12 6.68 1.45 4.03
CA VAL A 12 7.80 0.96 3.24
C VAL A 12 7.48 1.00 1.76
N CYS A 13 6.20 0.92 1.43
CA CYS A 13 5.76 0.96 0.04
C CYS A 13 5.87 2.36 -0.54
N GLY A 14 5.65 3.36 0.32
CA GLY A 14 5.73 4.74 -0.12
C GLY A 14 4.86 5.01 -1.34
N GLU A 15 3.61 4.58 -1.28
CA GLU A 15 2.68 4.79 -2.38
C GLU A 15 1.24 4.92 -1.86
N THR A 16 0.36 5.39 -2.74
CA THR A 16 -1.05 5.57 -2.37
C THR A 16 -1.96 4.93 -3.40
N CYS A 17 -2.66 3.87 -2.98
CA CYS A 17 -3.59 3.16 -3.86
C CYS A 17 -4.96 3.82 -3.86
N THR A 18 -5.53 3.97 -5.04
CA THR A 18 -6.85 4.59 -5.18
C THR A 18 -7.84 3.64 -5.87
N LEU A 19 -7.53 2.34 -5.82
CA LEU A 19 -8.39 1.34 -6.44
C LEU A 19 -8.51 0.11 -5.54
N GLY A 20 -8.18 0.28 -4.27
CA GLY A 20 -8.27 -0.82 -3.32
C GLY A 20 -7.19 -1.87 -3.55
N THR A 21 -5.98 -1.41 -3.86
CA THR A 21 -4.86 -2.31 -4.10
C THR A 21 -3.59 -1.53 -4.43
N CYS A 22 -2.50 -1.90 -3.78
CA CYS A 22 -1.21 -1.24 -3.99
C CYS A 22 -0.70 -1.50 -5.42
N SER A 23 0.07 -0.55 -5.94
CA SER A 23 0.62 -0.68 -7.29
C SER A 23 1.64 -1.80 -7.35
N THR A 24 2.36 -2.00 -6.26
CA THR A 24 3.38 -3.04 -6.19
C THR A 24 2.76 -4.40 -5.89
N GLN A 25 3.58 -5.44 -5.85
CA GLN A 25 3.11 -6.79 -5.57
C GLN A 25 3.61 -7.27 -4.21
N GLY A 26 2.73 -7.27 -3.22
CA GLY A 26 3.10 -7.71 -1.89
C GLY A 26 2.59 -6.77 -0.81
N CYS A 27 2.50 -5.49 -1.13
CA CYS A 27 2.01 -4.50 -0.17
C CYS A 27 0.51 -4.61 0.01
N THR A 28 0.03 -4.07 1.13
CA THR A 28 -1.41 -4.10 1.43
C THR A 28 -1.90 -2.74 1.91
N CYS A 29 -2.82 -2.16 1.14
CA CYS A 29 -3.38 -0.85 1.48
C CYS A 29 -3.88 -0.83 2.93
N SER A 1 -3.50 0.07 3.98
CA SER A 1 -4.13 1.18 4.69
C SER A 1 -4.61 2.26 3.72
N TRP A 2 -5.49 1.87 2.82
CA TRP A 2 -6.03 2.80 1.83
C TRP A 2 -6.44 4.11 2.49
N PRO A 3 -6.11 5.24 1.83
CA PRO A 3 -5.40 5.22 0.54
C PRO A 3 -3.96 4.76 0.68
N ILE A 4 -3.30 5.23 1.75
CA ILE A 4 -1.90 4.88 2.00
C ILE A 4 -1.68 3.37 1.81
N CYS A 5 -0.43 3.00 1.53
CA CYS A 5 -0.08 1.60 1.33
C CYS A 5 0.99 1.16 2.32
N LYS A 6 0.94 -0.11 2.70
CA LYS A 6 1.92 -0.66 3.65
C LYS A 6 2.04 -2.17 3.48
N ARG A 7 3.27 -2.68 3.58
CA ARG A 7 3.52 -4.11 3.45
C ARG A 7 3.20 -4.84 4.74
N ASN A 8 4.07 -4.70 5.73
CA ASN A 8 3.88 -5.34 7.02
C ASN A 8 3.30 -4.37 8.04
N GLY A 9 2.61 -3.34 7.56
CA GLY A 9 2.02 -2.35 8.43
C GLY A 9 2.94 -1.18 8.69
N LEU A 10 3.94 -1.02 7.83
CA LEU A 10 4.90 0.08 7.97
C LEU A 10 5.09 0.81 6.64
N PRO A 11 5.47 2.09 6.72
CA PRO A 11 5.69 2.92 5.54
C PRO A 11 6.95 2.50 4.77
N VAL A 12 6.86 1.38 4.06
CA VAL A 12 7.98 0.87 3.28
C VAL A 12 7.67 0.91 1.79
N CYS A 13 6.39 0.88 1.45
CA CYS A 13 5.97 0.92 0.06
C CYS A 13 5.99 2.34 -0.49
N GLY A 14 5.66 3.30 0.37
CA GLY A 14 5.65 4.69 -0.04
C GLY A 14 4.80 4.92 -1.26
N GLU A 15 3.55 4.44 -1.23
CA GLU A 15 2.64 4.60 -2.35
C GLU A 15 1.21 4.81 -1.86
N THR A 16 0.34 5.25 -2.76
CA THR A 16 -1.06 5.50 -2.42
C THR A 16 -1.99 4.85 -3.44
N CYS A 17 -2.74 3.84 -2.99
CA CYS A 17 -3.67 3.14 -3.86
C CYS A 17 -5.03 3.82 -3.85
N THR A 18 -5.62 3.96 -5.04
CA THR A 18 -6.92 4.59 -5.18
C THR A 18 -7.93 3.64 -5.81
N LEU A 19 -7.62 2.35 -5.79
CA LEU A 19 -8.50 1.34 -6.35
C LEU A 19 -8.64 0.15 -5.41
N GLY A 20 -8.12 0.30 -4.20
CA GLY A 20 -8.21 -0.77 -3.22
C GLY A 20 -7.16 -1.85 -3.45
N THR A 21 -5.95 -1.43 -3.82
CA THR A 21 -4.86 -2.36 -4.06
C THR A 21 -3.59 -1.64 -4.48
N CYS A 22 -2.53 -1.81 -3.71
CA CYS A 22 -1.26 -1.17 -4.00
C CYS A 22 -0.80 -1.47 -5.42
N SER A 23 0.12 -0.66 -5.92
CA SER A 23 0.64 -0.85 -7.28
C SER A 23 1.66 -1.99 -7.31
N THR A 24 2.51 -2.05 -6.30
CA THR A 24 3.53 -3.09 -6.21
C THR A 24 2.92 -4.43 -5.87
N GLN A 25 3.75 -5.47 -5.85
CA GLN A 25 3.28 -6.82 -5.53
C GLN A 25 3.81 -7.27 -4.17
N GLY A 26 2.94 -7.24 -3.16
CA GLY A 26 3.35 -7.65 -1.82
C GLY A 26 2.88 -6.69 -0.76
N CYS A 27 2.52 -5.48 -1.17
CA CYS A 27 2.06 -4.45 -0.25
C CYS A 27 0.53 -4.47 -0.14
N THR A 28 0.02 -3.96 0.98
CA THR A 28 -1.42 -3.91 1.20
C THR A 28 -1.86 -2.53 1.64
N CYS A 29 -3.04 -2.12 1.19
CA CYS A 29 -3.58 -0.81 1.53
C CYS A 29 -4.07 -0.78 2.97
N SER A 1 -3.47 0.00 3.97
CA SER A 1 -4.10 1.09 4.71
C SER A 1 -4.55 2.21 3.77
N TRP A 2 -5.42 1.87 2.84
CA TRP A 2 -5.94 2.84 1.88
C TRP A 2 -6.32 4.14 2.57
N PRO A 3 -5.96 5.28 1.95
CA PRO A 3 -5.24 5.28 0.67
C PRO A 3 -3.80 4.80 0.82
N ILE A 4 -3.14 5.22 1.90
CA ILE A 4 -1.76 4.82 2.15
C ILE A 4 -1.57 3.32 1.91
N CYS A 5 -0.33 2.92 1.64
CA CYS A 5 -0.01 1.52 1.41
C CYS A 5 1.09 1.05 2.33
N LYS A 6 0.99 -0.20 2.79
CA LYS A 6 2.00 -0.77 3.69
C LYS A 6 2.12 -2.28 3.46
N ARG A 7 3.35 -2.78 3.56
CA ARG A 7 3.60 -4.20 3.37
C ARG A 7 3.36 -4.96 4.66
N ASN A 8 4.16 -4.67 5.68
CA ASN A 8 4.04 -5.34 6.97
C ASN A 8 3.37 -4.43 7.99
N GLY A 9 2.67 -3.41 7.51
CA GLY A 9 2.00 -2.47 8.39
C GLY A 9 2.82 -1.22 8.64
N LEU A 10 3.73 -0.93 7.73
CA LEU A 10 4.59 0.25 7.85
C LEU A 10 4.73 0.97 6.52
N PRO A 11 4.98 2.29 6.57
CA PRO A 11 5.15 3.11 5.38
C PRO A 11 6.45 2.80 4.63
N VAL A 12 6.46 1.67 3.93
CA VAL A 12 7.63 1.26 3.17
C VAL A 12 7.34 1.24 1.68
N CYS A 13 6.07 1.07 1.33
CA CYS A 13 5.66 1.03 -0.07
C CYS A 13 5.67 2.43 -0.68
N GLY A 14 5.19 3.41 0.09
CA GLY A 14 5.15 4.77 -0.39
C GLY A 14 4.34 4.92 -1.66
N GLU A 15 3.33 4.07 -1.82
CA GLU A 15 2.47 4.10 -3.00
C GLU A 15 0.99 4.09 -2.60
N THR A 16 0.48 5.27 -2.24
CA THR A 16 -0.91 5.39 -1.85
C THR A 16 -1.85 4.86 -2.93
N CYS A 17 -2.53 3.75 -2.65
CA CYS A 17 -3.45 3.15 -3.60
C CYS A 17 -4.77 3.91 -3.63
N THR A 18 -5.32 4.08 -4.83
CA THR A 18 -6.58 4.78 -5.01
C THR A 18 -7.61 3.91 -5.71
N LEU A 19 -7.38 2.61 -5.70
CA LEU A 19 -8.29 1.66 -6.33
C LEU A 19 -8.50 0.44 -5.46
N GLY A 20 -8.14 0.55 -4.19
CA GLY A 20 -8.30 -0.56 -3.27
C GLY A 20 -7.26 -1.64 -3.49
N THR A 21 -6.03 -1.24 -3.79
CA THR A 21 -4.95 -2.19 -4.03
C THR A 21 -3.65 -1.46 -4.35
N CYS A 22 -2.57 -1.91 -3.72
CA CYS A 22 -1.25 -1.31 -3.93
C CYS A 22 -0.75 -1.60 -5.34
N SER A 23 0.26 -0.83 -5.77
CA SER A 23 0.83 -1.00 -7.10
C SER A 23 1.80 -2.18 -7.13
N THR A 24 2.81 -2.13 -6.27
CA THR A 24 3.80 -3.19 -6.20
C THR A 24 3.15 -4.53 -5.90
N GLN A 25 3.98 -5.58 -5.78
CA GLN A 25 3.48 -6.91 -5.49
C GLN A 25 3.91 -7.37 -4.10
N GLY A 26 2.98 -7.34 -3.15
CA GLY A 26 3.30 -7.76 -1.80
C GLY A 26 2.82 -6.76 -0.77
N CYS A 27 2.54 -5.54 -1.21
CA CYS A 27 2.07 -4.49 -0.30
C CYS A 27 0.55 -4.53 -0.18
N THR A 28 0.04 -4.02 0.94
CA THR A 28 -1.39 -3.99 1.19
C THR A 28 -1.84 -2.60 1.64
N CYS A 29 -3.04 -2.21 1.21
CA CYS A 29 -3.59 -0.91 1.56
C CYS A 29 -4.04 -0.89 3.02
N SER A 1 -3.55 -0.09 3.84
CA SER A 1 -4.23 0.97 4.56
C SER A 1 -4.68 2.08 3.61
N TRP A 2 -5.53 1.73 2.65
CA TRP A 2 -6.03 2.69 1.68
C TRP A 2 -6.47 3.98 2.37
N PRO A 3 -6.12 5.12 1.76
CA PRO A 3 -5.36 5.16 0.51
C PRO A 3 -3.92 4.71 0.70
N ILE A 4 -3.32 5.10 1.83
CA ILE A 4 -1.94 4.73 2.12
C ILE A 4 -1.70 3.25 1.86
N CYS A 5 -0.44 2.90 1.65
CA CYS A 5 -0.07 1.51 1.37
C CYS A 5 1.01 1.04 2.34
N LYS A 6 0.83 -0.16 2.89
CA LYS A 6 1.78 -0.73 3.84
C LYS A 6 1.83 -2.25 3.72
N ARG A 7 3.00 -2.82 3.94
CA ARG A 7 3.18 -4.26 3.86
C ARG A 7 3.02 -4.91 5.24
N ASN A 8 4.03 -4.75 6.08
CA ASN A 8 4.00 -5.32 7.43
C ASN A 8 3.51 -4.29 8.44
N GLY A 9 2.76 -3.30 7.96
CA GLY A 9 2.25 -2.27 8.84
C GLY A 9 3.18 -1.08 8.95
N LEU A 10 4.14 -1.00 8.03
CA LEU A 10 5.10 0.10 8.03
C LEU A 10 5.19 0.73 6.64
N PRO A 11 5.56 2.03 6.61
CA PRO A 11 5.70 2.78 5.36
C PRO A 11 6.89 2.31 4.53
N VAL A 12 6.75 1.16 3.89
CA VAL A 12 7.81 0.60 3.06
C VAL A 12 7.36 0.45 1.61
N CYS A 13 6.38 1.26 1.22
CA CYS A 13 5.87 1.23 -0.14
C CYS A 13 5.75 2.64 -0.71
N GLY A 14 5.27 3.57 0.11
CA GLY A 14 5.13 4.95 -0.34
C GLY A 14 4.34 5.06 -1.62
N GLU A 15 3.33 4.20 -1.77
CA GLU A 15 2.50 4.21 -2.97
C GLU A 15 1.02 4.19 -2.60
N THR A 16 0.47 5.36 -2.31
CA THR A 16 -0.94 5.47 -1.93
C THR A 16 -1.85 4.92 -3.04
N CYS A 17 -2.50 3.80 -2.76
CA CYS A 17 -3.39 3.18 -3.74
C CYS A 17 -4.73 3.91 -3.78
N THR A 18 -5.26 4.09 -4.98
CA THR A 18 -6.54 4.77 -5.17
C THR A 18 -7.56 3.86 -5.86
N LEU A 19 -7.30 2.56 -5.82
CA LEU A 19 -8.18 1.59 -6.44
C LEU A 19 -8.36 0.36 -5.55
N GLY A 20 -8.02 0.51 -4.27
CA GLY A 20 -8.16 -0.59 -3.34
C GLY A 20 -7.16 -1.70 -3.60
N THR A 21 -5.93 -1.33 -3.94
CA THR A 21 -4.89 -2.31 -4.23
C THR A 21 -3.57 -1.62 -4.55
N CYS A 22 -2.55 -1.91 -3.76
CA CYS A 22 -1.23 -1.31 -3.96
C CYS A 22 -0.73 -1.57 -5.37
N SER A 23 -0.03 -0.59 -5.93
CA SER A 23 0.50 -0.72 -7.29
C SER A 23 1.54 -1.82 -7.36
N THR A 24 2.13 -2.16 -6.22
CA THR A 24 3.13 -3.21 -6.16
C THR A 24 2.51 -4.56 -5.82
N GLN A 25 3.33 -5.61 -5.84
CA GLN A 25 2.86 -6.95 -5.54
C GLN A 25 3.39 -7.44 -4.19
N GLY A 26 3.67 -6.50 -3.30
CA GLY A 26 4.19 -6.84 -1.98
C GLY A 26 3.73 -5.88 -0.91
N CYS A 27 2.57 -5.28 -1.10
CA CYS A 27 2.03 -4.31 -0.15
C CYS A 27 0.51 -4.44 -0.05
N THR A 28 -0.04 -4.07 1.10
CA THR A 28 -1.47 -4.14 1.33
C THR A 28 -2.02 -2.79 1.82
N CYS A 29 -2.95 -2.23 1.04
CA CYS A 29 -3.55 -0.95 1.39
C CYS A 29 -4.06 -0.96 2.83
N SER A 1 -3.30 -0.14 3.95
CA SER A 1 -3.98 0.91 4.70
C SER A 1 -4.45 2.02 3.76
N TRP A 2 -5.32 1.67 2.82
CA TRP A 2 -5.85 2.63 1.86
C TRP A 2 -6.27 3.92 2.56
N PRO A 3 -5.94 5.07 1.95
CA PRO A 3 -5.20 5.10 0.68
C PRO A 3 -3.75 4.64 0.83
N ILE A 4 -3.12 5.06 1.93
CA ILE A 4 -1.73 4.69 2.19
C ILE A 4 -1.51 3.21 1.93
N CYS A 5 -0.25 2.85 1.67
CA CYS A 5 0.10 1.45 1.42
C CYS A 5 1.14 0.95 2.42
N LYS A 6 0.94 -0.25 2.93
CA LYS A 6 1.85 -0.85 3.90
C LYS A 6 1.99 -2.35 3.68
N ARG A 7 3.23 -2.83 3.69
CA ARG A 7 3.50 -4.24 3.49
C ARG A 7 3.29 -5.04 4.78
N ASN A 8 3.89 -4.55 5.86
CA ASN A 8 3.76 -5.20 7.16
C ASN A 8 3.17 -4.25 8.20
N GLY A 9 2.45 -3.24 7.72
CA GLY A 9 1.83 -2.28 8.62
C GLY A 9 2.68 -1.03 8.79
N LEU A 10 3.65 -0.84 7.91
CA LEU A 10 4.52 0.32 7.98
C LEU A 10 4.71 0.94 6.59
N PRO A 11 4.99 2.25 6.57
CA PRO A 11 5.19 3.00 5.32
C PRO A 11 6.48 2.60 4.61
N VAL A 12 6.47 1.44 3.97
CA VAL A 12 7.65 0.95 3.26
C VAL A 12 7.34 0.72 1.78
N CYS A 13 6.29 1.39 1.29
CA CYS A 13 5.90 1.26 -0.10
C CYS A 13 5.81 2.63 -0.77
N GLY A 14 5.36 3.63 -0.01
CA GLY A 14 5.24 4.97 -0.55
C GLY A 14 4.47 5.02 -1.84
N GLU A 15 3.35 4.29 -1.89
CA GLU A 15 2.52 4.24 -3.09
C GLU A 15 1.03 4.26 -2.71
N THR A 16 0.51 5.44 -2.42
CA THR A 16 -0.89 5.59 -2.05
C THR A 16 -1.81 5.01 -3.13
N CYS A 17 -2.48 3.91 -2.79
CA CYS A 17 -3.38 3.26 -3.72
C CYS A 17 -4.75 3.94 -3.72
N THR A 18 -5.32 4.12 -4.91
CA THR A 18 -6.62 4.76 -5.04
C THR A 18 -7.62 3.83 -5.70
N LEU A 19 -7.34 2.53 -5.66
CA LEU A 19 -8.22 1.53 -6.26
C LEU A 19 -8.35 0.31 -5.36
N GLY A 20 -8.00 0.48 -4.09
CA GLY A 20 -8.08 -0.62 -3.14
C GLY A 20 -7.09 -1.73 -3.45
N THR A 21 -5.87 -1.35 -3.81
CA THR A 21 -4.84 -2.32 -4.13
C THR A 21 -3.52 -1.62 -4.48
N CYS A 22 -2.48 -1.92 -3.72
CA CYS A 22 -1.17 -1.33 -3.95
C CYS A 22 -0.69 -1.59 -5.38
N SER A 23 0.07 -0.66 -5.94
CA SER A 23 0.59 -0.79 -7.29
C SER A 23 1.62 -1.92 -7.36
N THR A 24 2.38 -2.08 -6.29
CA THR A 24 3.41 -3.12 -6.24
C THR A 24 2.79 -4.48 -5.91
N GLN A 25 3.63 -5.51 -5.95
CA GLN A 25 3.18 -6.87 -5.65
C GLN A 25 3.68 -7.33 -4.29
N GLY A 26 2.85 -7.15 -3.27
CA GLY A 26 3.23 -7.55 -1.93
C GLY A 26 2.67 -6.63 -0.86
N CYS A 27 2.67 -5.33 -1.14
CA CYS A 27 2.15 -4.34 -0.20
C CYS A 27 0.64 -4.45 -0.07
N THR A 28 0.12 -4.08 1.10
CA THR A 28 -1.31 -4.14 1.36
C THR A 28 -1.83 -2.79 1.85
N CYS A 29 -2.75 -2.20 1.10
CA CYS A 29 -3.33 -0.92 1.46
C CYS A 29 -3.84 -0.93 2.90
N SER A 1 -3.56 -0.05 3.96
CA SER A 1 -4.23 1.02 4.70
C SER A 1 -4.69 2.12 3.75
N TRP A 2 -5.55 1.77 2.80
CA TRP A 2 -6.06 2.73 1.83
C TRP A 2 -6.50 4.01 2.53
N PRO A 3 -6.17 5.16 1.93
CA PRO A 3 -5.41 5.20 0.66
C PRO A 3 -3.97 4.75 0.84
N ILE A 4 -3.34 5.18 1.92
CA ILE A 4 -1.96 4.83 2.20
C ILE A 4 -1.71 3.35 1.97
N CYS A 5 -0.47 2.99 1.72
CA CYS A 5 -0.10 1.60 1.48
C CYS A 5 0.98 1.14 2.46
N LYS A 6 0.90 -0.11 2.87
CA LYS A 6 1.87 -0.68 3.81
C LYS A 6 2.03 -2.18 3.59
N ARG A 7 3.25 -2.67 3.74
CA ARG A 7 3.53 -4.09 3.56
C ARG A 7 3.15 -4.88 4.81
N ASN A 8 3.96 -4.74 5.86
CA ASN A 8 3.70 -5.44 7.12
C ASN A 8 3.23 -4.47 8.19
N GLY A 9 2.64 -3.35 7.76
CA GLY A 9 2.16 -2.36 8.71
C GLY A 9 3.12 -1.20 8.87
N LEU A 10 3.96 -0.98 7.86
CA LEU A 10 4.93 0.11 7.90
C LEU A 10 5.05 0.78 6.53
N PRO A 11 5.44 2.06 6.53
CA PRO A 11 5.60 2.83 5.29
C PRO A 11 6.81 2.38 4.49
N VAL A 12 6.68 1.22 3.83
CA VAL A 12 7.76 0.67 3.02
C VAL A 12 7.32 0.49 1.58
N CYS A 13 6.32 1.27 1.17
CA CYS A 13 5.81 1.20 -0.20
C CYS A 13 5.71 2.59 -0.82
N GLY A 14 5.24 3.54 -0.03
CA GLY A 14 5.11 4.92 -0.51
C GLY A 14 4.33 4.99 -1.81
N GLU A 15 3.23 4.24 -1.89
CA GLU A 15 2.40 4.23 -3.09
C GLU A 15 0.92 4.23 -2.73
N THR A 16 0.40 5.42 -2.40
CA THR A 16 -1.00 5.56 -2.04
C THR A 16 -1.91 4.98 -3.11
N CYS A 17 -2.58 3.88 -2.77
CA CYS A 17 -3.49 3.23 -3.69
C CYS A 17 -4.85 3.93 -3.72
N THR A 18 -5.40 4.10 -4.92
CA THR A 18 -6.69 4.76 -5.09
C THR A 18 -7.68 3.85 -5.79
N LEU A 19 -7.41 2.54 -5.76
CA LEU A 19 -8.28 1.57 -6.41
C LEU A 19 -8.47 0.34 -5.52
N GLY A 20 -8.13 0.48 -4.24
CA GLY A 20 -8.27 -0.63 -3.31
C GLY A 20 -7.21 -1.70 -3.53
N THR A 21 -5.99 -1.27 -3.83
CA THR A 21 -4.90 -2.20 -4.06
C THR A 21 -3.60 -1.46 -4.36
N CYS A 22 -2.52 -1.85 -3.68
CA CYS A 22 -1.23 -1.22 -3.85
C CYS A 22 -0.71 -1.45 -5.27
N SER A 23 0.38 -0.77 -5.62
CA SER A 23 0.97 -0.89 -6.95
C SER A 23 1.91 -2.10 -7.01
N THR A 24 2.91 -2.10 -6.15
CA THR A 24 3.88 -3.19 -6.10
C THR A 24 3.20 -4.52 -5.82
N GLN A 25 3.98 -5.59 -5.82
CA GLN A 25 3.45 -6.93 -5.56
C GLN A 25 3.84 -7.40 -4.17
N GLY A 26 2.95 -7.19 -3.20
CA GLY A 26 3.21 -7.61 -1.84
C GLY A 26 2.63 -6.65 -0.82
N CYS A 27 2.71 -5.36 -1.11
CA CYS A 27 2.19 -4.34 -0.21
C CYS A 27 0.67 -4.39 -0.15
N THR A 28 0.11 -3.93 0.97
CA THR A 28 -1.33 -3.93 1.16
C THR A 28 -1.82 -2.56 1.62
N CYS A 29 -3.00 -2.16 1.14
CA CYS A 29 -3.57 -0.88 1.50
C CYS A 29 -4.08 -0.90 2.94
N SER A 1 -3.32 0.01 3.97
CA SER A 1 -3.96 1.09 4.70
C SER A 1 -4.46 2.17 3.74
N TRP A 2 -5.35 1.78 2.83
CA TRP A 2 -5.90 2.71 1.87
C TRP A 2 -6.32 4.02 2.54
N PRO A 3 -6.02 5.15 1.88
CA PRO A 3 -5.31 5.15 0.59
C PRO A 3 -3.86 4.71 0.72
N ILE A 4 -3.20 5.16 1.78
CA ILE A 4 -1.81 4.82 2.02
C ILE A 4 -1.57 3.33 1.81
N CYS A 5 -0.33 2.97 1.52
CA CYS A 5 0.04 1.57 1.31
C CYS A 5 1.09 1.12 2.32
N LYS A 6 0.93 -0.11 2.81
CA LYS A 6 1.86 -0.67 3.78
C LYS A 6 1.99 -2.17 3.62
N ARG A 7 3.22 -2.68 3.70
CA ARG A 7 3.47 -4.10 3.56
C ARG A 7 3.05 -4.87 4.80
N ASN A 8 3.85 -4.74 5.86
CA ASN A 8 3.55 -5.42 7.12
C ASN A 8 3.07 -4.43 8.16
N GLY A 9 2.49 -3.32 7.71
CA GLY A 9 1.98 -2.32 8.62
C GLY A 9 2.97 -1.17 8.82
N LEU A 10 3.80 -0.93 7.81
CA LEU A 10 4.79 0.14 7.88
C LEU A 10 4.93 0.84 6.53
N PRO A 11 5.33 2.11 6.57
CA PRO A 11 5.51 2.92 5.36
C PRO A 11 6.71 2.46 4.53
N VAL A 12 6.57 1.31 3.88
CA VAL A 12 7.64 0.76 3.05
C VAL A 12 7.28 0.83 1.58
N CYS A 13 5.98 0.88 1.29
CA CYS A 13 5.50 0.95 -0.09
C CYS A 13 5.67 2.36 -0.66
N GLY A 14 5.56 3.36 0.21
CA GLY A 14 5.70 4.73 -0.22
C GLY A 14 4.81 5.07 -1.40
N GLU A 15 3.59 4.54 -1.39
CA GLU A 15 2.64 4.77 -2.47
C GLU A 15 1.22 4.90 -1.92
N THR A 16 0.31 5.40 -2.76
CA THR A 16 -1.07 5.58 -2.35
C THR A 16 -2.02 4.95 -3.38
N CYS A 17 -2.69 3.87 -2.96
CA CYS A 17 -3.63 3.18 -3.83
C CYS A 17 -5.00 3.85 -3.80
N THR A 18 -5.60 3.99 -4.98
CA THR A 18 -6.91 4.62 -5.10
C THR A 18 -7.93 3.65 -5.70
N LEU A 19 -7.61 2.36 -5.69
CA LEU A 19 -8.48 1.35 -6.24
C LEU A 19 -8.56 0.13 -5.31
N GLY A 20 -8.07 0.30 -4.09
CA GLY A 20 -8.09 -0.79 -3.13
C GLY A 20 -7.00 -1.81 -3.38
N THR A 21 -5.82 -1.32 -3.76
CA THR A 21 -4.69 -2.21 -4.04
C THR A 21 -3.46 -1.40 -4.47
N CYS A 22 -2.31 -1.74 -3.89
CA CYS A 22 -1.07 -1.05 -4.22
C CYS A 22 -0.58 -1.45 -5.61
N SER A 23 0.18 -0.56 -6.24
CA SER A 23 0.71 -0.80 -7.57
C SER A 23 1.78 -1.89 -7.53
N THR A 24 2.42 -2.03 -6.38
CA THR A 24 3.47 -3.04 -6.21
C THR A 24 2.88 -4.41 -5.88
N GLN A 25 3.74 -5.41 -5.78
CA GLN A 25 3.30 -6.76 -5.48
C GLN A 25 3.86 -7.23 -4.13
N GLY A 26 3.00 -7.28 -3.11
CA GLY A 26 3.43 -7.70 -1.80
C GLY A 26 2.97 -6.75 -0.71
N CYS A 27 2.52 -5.57 -1.10
CA CYS A 27 2.05 -4.57 -0.15
C CYS A 27 0.57 -4.77 0.16
N THR A 28 0.05 -3.97 1.08
CA THR A 28 -1.36 -4.05 1.47
C THR A 28 -1.88 -2.71 1.94
N CYS A 29 -2.80 -2.12 1.18
CA CYS A 29 -3.38 -0.83 1.52
C CYS A 29 -3.88 -0.83 2.96
N SER A 1 -3.51 -0.10 3.92
CA SER A 1 -4.08 0.98 4.71
C SER A 1 -4.56 2.12 3.81
N TRP A 2 -5.43 1.79 2.87
CA TRP A 2 -5.97 2.79 1.95
C TRP A 2 -6.35 4.06 2.68
N PRO A 3 -6.03 5.21 2.08
CA PRO A 3 -5.33 5.27 0.79
C PRO A 3 -3.89 4.79 0.89
N ILE A 4 -3.18 5.24 1.93
CA ILE A 4 -1.80 4.87 2.14
C ILE A 4 -1.60 3.37 1.93
N CYS A 5 -0.37 2.98 1.62
CA CYS A 5 -0.04 1.57 1.39
C CYS A 5 1.05 1.11 2.35
N LYS A 6 0.95 -0.14 2.79
CA LYS A 6 1.93 -0.71 3.71
C LYS A 6 2.06 -2.21 3.50
N ARG A 7 3.30 -2.71 3.60
CA ARG A 7 3.56 -4.13 3.42
C ARG A 7 3.22 -4.91 4.69
N ASN A 8 3.99 -4.67 5.74
CA ASN A 8 3.77 -5.35 7.01
C ASN A 8 3.19 -4.40 8.05
N GLY A 9 2.43 -3.41 7.58
CA GLY A 9 1.82 -2.45 8.47
C GLY A 9 2.70 -1.24 8.71
N LEU A 10 3.67 -1.04 7.83
CA LEU A 10 4.58 0.10 7.95
C LEU A 10 4.77 0.80 6.62
N PRO A 11 5.10 2.09 6.66
CA PRO A 11 5.32 2.90 5.46
C PRO A 11 6.59 2.51 4.72
N VAL A 12 6.53 1.40 4.01
CA VAL A 12 7.68 0.90 3.25
C VAL A 12 7.33 0.72 1.77
N CYS A 13 6.34 1.46 1.31
CA CYS A 13 5.90 1.38 -0.08
C CYS A 13 5.78 2.77 -0.70
N GLY A 14 5.25 3.71 0.08
CA GLY A 14 5.09 5.07 -0.40
C GLY A 14 4.31 5.13 -1.70
N GLU A 15 3.29 4.29 -1.82
CA GLU A 15 2.46 4.25 -3.02
C GLU A 15 0.98 4.25 -2.67
N THR A 16 0.45 5.42 -2.31
CA THR A 16 -0.95 5.55 -1.95
C THR A 16 -1.85 5.00 -3.04
N CYS A 17 -2.73 4.07 -2.67
CA CYS A 17 -3.66 3.46 -3.61
C CYS A 17 -5.01 4.15 -3.57
N THR A 18 -5.62 4.32 -4.74
CA THR A 18 -6.92 4.97 -4.84
C THR A 18 -7.97 4.01 -5.38
N LEU A 19 -7.58 2.77 -5.62
CA LEU A 19 -8.48 1.74 -6.13
C LEU A 19 -8.68 0.63 -5.12
N GLY A 20 -7.84 0.63 -4.08
CA GLY A 20 -7.95 -0.39 -3.05
C GLY A 20 -7.05 -1.58 -3.32
N THR A 21 -5.83 -1.31 -3.78
CA THR A 21 -4.87 -2.36 -4.08
C THR A 21 -3.57 -1.79 -4.63
N CYS A 22 -2.49 -1.99 -3.88
CA CYS A 22 -1.18 -1.49 -4.28
C CYS A 22 -0.81 -2.00 -5.68
N SER A 23 0.37 -1.61 -6.15
CA SER A 23 0.84 -2.03 -7.46
C SER A 23 2.33 -2.36 -7.43
N THR A 24 2.75 -3.09 -6.40
CA THR A 24 4.14 -3.47 -6.24
C THR A 24 4.26 -4.95 -5.85
N GLN A 25 3.14 -5.65 -5.87
CA GLN A 25 3.13 -7.07 -5.52
C GLN A 25 3.81 -7.31 -4.17
N GLY A 26 3.02 -7.21 -3.10
CA GLY A 26 3.56 -7.41 -1.77
C GLY A 26 3.02 -6.42 -0.77
N CYS A 27 2.76 -5.20 -1.21
CA CYS A 27 2.23 -4.15 -0.34
C CYS A 27 0.71 -4.21 -0.29
N THR A 28 0.15 -3.87 0.86
CA THR A 28 -1.30 -3.88 1.04
C THR A 28 -1.80 -2.54 1.56
N CYS A 29 -2.97 -2.12 1.08
CA CYS A 29 -3.56 -0.86 1.50
C CYS A 29 -4.09 -0.94 2.92
N SER A 1 -3.32 0.03 4.01
CA SER A 1 -3.96 1.12 4.73
C SER A 1 -4.46 2.19 3.75
N TRP A 2 -5.35 1.80 2.86
CA TRP A 2 -5.90 2.71 1.87
C TRP A 2 -6.32 4.02 2.53
N PRO A 3 -6.01 5.15 1.86
CA PRO A 3 -5.31 5.14 0.57
C PRO A 3 -3.85 4.70 0.71
N ILE A 4 -3.20 5.17 1.77
CA ILE A 4 -1.80 4.82 2.01
C ILE A 4 -1.57 3.33 1.81
N CYS A 5 -0.32 2.96 1.54
CA CYS A 5 0.05 1.57 1.33
C CYS A 5 1.08 1.11 2.35
N LYS A 6 0.95 -0.12 2.82
CA LYS A 6 1.87 -0.68 3.81
C LYS A 6 2.00 -2.18 3.64
N ARG A 7 3.23 -2.68 3.70
CA ARG A 7 3.48 -4.12 3.57
C ARG A 7 3.02 -4.87 4.81
N ASN A 8 3.80 -4.75 5.89
CA ASN A 8 3.47 -5.42 7.15
C ASN A 8 2.95 -4.42 8.17
N GLY A 9 2.44 -3.29 7.70
CA GLY A 9 1.92 -2.27 8.60
C GLY A 9 2.90 -1.13 8.80
N LEU A 10 3.76 -0.90 7.82
CA LEU A 10 4.75 0.16 7.90
C LEU A 10 4.92 0.85 6.55
N PRO A 11 5.33 2.13 6.59
CA PRO A 11 5.55 2.92 5.38
C PRO A 11 6.76 2.46 4.58
N VAL A 12 6.63 1.30 3.93
CA VAL A 12 7.71 0.74 3.14
C VAL A 12 7.39 0.79 1.65
N CYS A 13 6.09 0.90 1.34
CA CYS A 13 5.65 0.95 -0.05
C CYS A 13 5.79 2.37 -0.61
N GLY A 14 5.59 3.36 0.25
CA GLY A 14 5.70 4.74 -0.18
C GLY A 14 4.81 5.06 -1.37
N GLU A 15 3.60 4.52 -1.36
CA GLU A 15 2.66 4.74 -2.44
C GLU A 15 1.23 4.87 -1.91
N THR A 16 0.33 5.37 -2.76
CA THR A 16 -1.07 5.56 -2.37
C THR A 16 -2.00 4.90 -3.38
N CYS A 17 -2.68 3.84 -2.96
CA CYS A 17 -3.60 3.13 -3.83
C CYS A 17 -4.98 3.79 -3.82
N THR A 18 -5.56 3.94 -5.00
CA THR A 18 -6.89 4.56 -5.13
C THR A 18 -7.88 3.61 -5.78
N LEU A 19 -7.56 2.32 -5.77
CA LEU A 19 -8.43 1.31 -6.35
C LEU A 19 -8.55 0.10 -5.44
N GLY A 20 -8.08 0.24 -4.21
CA GLY A 20 -8.13 -0.86 -3.26
C GLY A 20 -7.03 -1.87 -3.47
N THR A 21 -5.84 -1.38 -3.80
CA THR A 21 -4.69 -2.25 -4.03
C THR A 21 -3.45 -1.45 -4.42
N CYS A 22 -2.32 -1.77 -3.79
CA CYS A 22 -1.08 -1.08 -4.08
C CYS A 22 -0.58 -1.40 -5.48
N SER A 23 0.20 -0.48 -6.05
CA SER A 23 0.74 -0.67 -7.39
C SER A 23 1.72 -1.84 -7.42
N THR A 24 2.31 -2.14 -6.28
CA THR A 24 3.26 -3.24 -6.18
C THR A 24 2.56 -4.57 -5.90
N GLN A 25 3.32 -5.66 -5.94
CA GLN A 25 2.77 -6.98 -5.70
C GLN A 25 3.31 -7.58 -4.41
N GLY A 26 3.40 -6.75 -3.37
CA GLY A 26 3.91 -7.21 -2.09
C GLY A 26 3.56 -6.27 -0.96
N CYS A 27 2.49 -5.50 -1.13
CA CYS A 27 2.05 -4.55 -0.12
C CYS A 27 0.58 -4.76 0.23
N THR A 28 0.07 -3.94 1.13
CA THR A 28 -1.33 -4.04 1.54
C THR A 28 -1.86 -2.68 2.01
N CYS A 29 -2.78 -2.11 1.23
CA CYS A 29 -3.37 -0.83 1.56
C CYS A 29 -3.86 -0.81 3.01
N SER A 1 -3.28 0.06 3.96
CA SER A 1 -3.95 1.15 4.66
C SER A 1 -4.43 2.22 3.68
N TRP A 2 -5.32 1.82 2.78
CA TRP A 2 -5.86 2.74 1.78
C TRP A 2 -6.26 4.06 2.42
N PRO A 3 -5.94 5.17 1.74
CA PRO A 3 -5.23 5.14 0.46
C PRO A 3 -3.78 4.68 0.60
N ILE A 4 -3.12 5.16 1.66
CA ILE A 4 -1.73 4.80 1.90
C ILE A 4 -1.51 3.29 1.74
N CYS A 5 -0.27 2.92 1.47
CA CYS A 5 0.08 1.51 1.29
C CYS A 5 1.10 1.06 2.34
N LYS A 6 0.99 -0.19 2.77
CA LYS A 6 1.90 -0.74 3.76
C LYS A 6 1.97 -2.26 3.64
N ARG A 7 3.19 -2.79 3.68
CA ARG A 7 3.40 -4.23 3.58
C ARG A 7 3.18 -4.91 4.93
N ASN A 8 4.12 -4.71 5.84
CA ASN A 8 4.02 -5.30 7.18
C ASN A 8 3.41 -4.32 8.17
N GLY A 9 2.65 -3.36 7.64
CA GLY A 9 2.01 -2.38 8.50
C GLY A 9 2.91 -1.17 8.76
N LEU A 10 3.89 -0.98 7.90
CA LEU A 10 4.82 0.14 8.03
C LEU A 10 4.98 0.88 6.71
N PRO A 11 5.32 2.18 6.80
CA PRO A 11 5.51 3.02 5.62
C PRO A 11 6.77 2.64 4.83
N VAL A 12 6.70 1.53 4.12
CA VAL A 12 7.83 1.07 3.33
C VAL A 12 7.50 1.06 1.83
N CYS A 13 6.21 0.98 1.53
CA CYS A 13 5.75 0.96 0.14
C CYS A 13 5.85 2.35 -0.48
N GLY A 14 5.63 3.37 0.34
CA GLY A 14 5.72 4.75 -0.15
C GLY A 14 4.85 4.97 -1.38
N GLU A 15 3.60 4.52 -1.31
CA GLU A 15 2.67 4.67 -2.42
C GLU A 15 1.23 4.82 -1.92
N THR A 16 0.37 5.33 -2.78
CA THR A 16 -1.04 5.52 -2.43
C THR A 16 -1.96 4.87 -3.46
N CYS A 17 -2.65 3.82 -3.04
CA CYS A 17 -3.57 3.10 -3.92
C CYS A 17 -4.94 3.78 -3.93
N THR A 18 -5.53 3.90 -5.11
CA THR A 18 -6.84 4.51 -5.26
C THR A 18 -7.84 3.54 -5.89
N LEU A 19 -7.55 2.25 -5.78
CA LEU A 19 -8.42 1.22 -6.34
C LEU A 19 -8.52 0.03 -5.40
N GLY A 20 -8.16 0.25 -4.14
CA GLY A 20 -8.22 -0.81 -3.16
C GLY A 20 -7.22 -1.91 -3.41
N THR A 21 -6.01 -1.51 -3.81
CA THR A 21 -4.94 -2.48 -4.09
C THR A 21 -3.65 -1.77 -4.49
N CYS A 22 -2.60 -1.99 -3.71
CA CYS A 22 -1.31 -1.37 -3.97
C CYS A 22 -0.88 -1.62 -5.42
N SER A 23 0.17 -0.93 -5.84
CA SER A 23 0.69 -1.06 -7.20
C SER A 23 2.13 -1.56 -7.19
N THR A 24 2.48 -2.28 -6.12
CA THR A 24 3.84 -2.82 -5.99
C THR A 24 3.82 -4.34 -5.88
N GLN A 25 2.62 -4.92 -5.96
CA GLN A 25 2.47 -6.37 -5.88
C GLN A 25 3.18 -6.91 -4.64
N GLY A 26 2.46 -6.95 -3.52
CA GLY A 26 3.05 -7.45 -2.28
C GLY A 26 2.61 -6.66 -1.07
N CYS A 27 2.42 -5.36 -1.25
CA CYS A 27 2.00 -4.49 -0.16
C CYS A 27 0.49 -4.60 0.07
N THR A 28 0.03 -4.03 1.18
CA THR A 28 -1.39 -4.07 1.53
C THR A 28 -1.88 -2.70 1.96
N CYS A 29 -2.79 -2.12 1.19
CA CYS A 29 -3.35 -0.82 1.50
C CYS A 29 -3.85 -0.75 2.94
N SER A 1 -3.60 -0.13 3.84
CA SER A 1 -4.17 1.00 4.59
C SER A 1 -4.60 2.11 3.64
N TRP A 2 -5.48 1.78 2.70
CA TRP A 2 -5.97 2.76 1.74
C TRP A 2 -6.37 4.06 2.43
N PRO A 3 -6.01 5.19 1.83
CA PRO A 3 -5.27 5.22 0.57
C PRO A 3 -3.83 4.74 0.73
N ILE A 4 -3.19 5.16 1.82
CA ILE A 4 -1.81 4.77 2.09
C ILE A 4 -1.60 3.28 1.86
N CYS A 5 -0.35 2.89 1.62
CA CYS A 5 -0.03 1.50 1.37
C CYS A 5 1.06 1.02 2.34
N LYS A 6 0.83 -0.15 2.94
CA LYS A 6 1.79 -0.71 3.88
C LYS A 6 1.84 -2.23 3.74
N ARG A 7 3.06 -2.77 3.68
CA ARG A 7 3.25 -4.21 3.55
C ARG A 7 3.09 -4.91 4.89
N ASN A 8 4.08 -4.74 5.77
CA ASN A 8 4.04 -5.35 7.09
C ASN A 8 3.48 -4.37 8.12
N GLY A 9 2.71 -3.39 7.66
CA GLY A 9 2.14 -2.41 8.56
C GLY A 9 3.04 -1.22 8.76
N LEU A 10 4.01 -1.06 7.88
CA LEU A 10 4.95 0.06 7.97
C LEU A 10 5.08 0.77 6.62
N PRO A 11 5.43 2.07 6.67
CA PRO A 11 5.60 2.88 5.47
C PRO A 11 6.82 2.49 4.67
N VAL A 12 6.73 1.37 3.94
CA VAL A 12 7.82 0.89 3.13
C VAL A 12 7.40 0.71 1.67
N CYS A 13 6.34 1.41 1.30
CA CYS A 13 5.83 1.33 -0.08
C CYS A 13 5.71 2.72 -0.68
N GLY A 14 5.26 3.68 0.11
CA GLY A 14 5.12 5.04 -0.37
C GLY A 14 4.32 5.12 -1.65
N GLU A 15 3.32 4.25 -1.78
CA GLU A 15 2.48 4.22 -2.97
C GLU A 15 1.00 4.16 -2.59
N THR A 16 0.44 5.32 -2.24
CA THR A 16 -0.97 5.39 -1.86
C THR A 16 -1.87 4.87 -2.96
N CYS A 17 -2.51 3.73 -2.71
CA CYS A 17 -3.40 3.12 -3.69
C CYS A 17 -4.73 3.87 -3.76
N THR A 18 -5.27 4.01 -4.96
CA THR A 18 -6.53 4.71 -5.17
C THR A 18 -7.53 3.83 -5.87
N LEU A 19 -7.29 2.52 -5.86
CA LEU A 19 -8.19 1.56 -6.50
C LEU A 19 -8.40 0.33 -5.62
N GLY A 20 -8.07 0.47 -4.34
CA GLY A 20 -8.23 -0.64 -3.41
C GLY A 20 -7.20 -1.72 -3.62
N THR A 21 -5.97 -1.32 -3.91
CA THR A 21 -4.88 -2.27 -4.14
C THR A 21 -3.58 -1.55 -4.44
N CYS A 22 -2.51 -1.96 -3.76
CA CYS A 22 -1.20 -1.36 -3.95
C CYS A 22 -0.69 -1.60 -5.36
N SER A 23 0.03 -0.62 -5.91
CA SER A 23 0.57 -0.73 -7.25
C SER A 23 1.63 -1.83 -7.33
N THR A 24 2.24 -2.13 -6.19
CA THR A 24 3.26 -3.16 -6.11
C THR A 24 2.65 -4.53 -5.83
N GLN A 25 3.49 -5.56 -5.83
CA GLN A 25 3.04 -6.91 -5.56
C GLN A 25 3.59 -7.44 -4.25
N GLY A 26 3.06 -6.94 -3.13
CA GLY A 26 3.52 -7.36 -1.83
C GLY A 26 2.99 -6.49 -0.71
N CYS A 27 2.71 -5.22 -1.04
CA CYS A 27 2.19 -4.28 -0.05
C CYS A 27 0.69 -4.47 0.16
N THR A 28 0.17 -3.89 1.22
CA THR A 28 -1.25 -3.99 1.54
C THR A 28 -1.84 -2.62 1.85
N CYS A 29 -2.97 -2.32 1.22
CA CYS A 29 -3.64 -1.04 1.43
C CYS A 29 -4.20 -0.95 2.85
N SER A 1 -3.52 -0.19 3.86
CA SER A 1 -4.06 0.92 4.63
C SER A 1 -4.49 2.06 3.71
N TRP A 2 -5.36 1.74 2.76
CA TRP A 2 -5.86 2.73 1.81
C TRP A 2 -6.25 4.03 2.53
N PRO A 3 -5.89 5.17 1.94
CA PRO A 3 -5.16 5.21 0.67
C PRO A 3 -3.73 4.71 0.80
N ILE A 4 -3.05 5.15 1.86
CA ILE A 4 -1.67 4.76 2.11
C ILE A 4 -1.49 3.26 1.89
N CYS A 5 -0.25 2.87 1.61
CA CYS A 5 0.07 1.46 1.38
C CYS A 5 1.15 0.98 2.34
N LYS A 6 0.98 -0.23 2.87
CA LYS A 6 1.94 -0.80 3.80
C LYS A 6 2.04 -2.32 3.61
N ARG A 7 3.27 -2.83 3.58
CA ARG A 7 3.50 -4.25 3.41
C ARG A 7 3.38 -4.99 4.75
N ASN A 8 4.17 -4.55 5.73
CA ASN A 8 4.16 -5.17 7.05
C ASN A 8 3.49 -4.25 8.07
N GLY A 9 2.67 -3.32 7.58
CA GLY A 9 1.99 -2.39 8.47
C GLY A 9 2.78 -1.12 8.70
N LEU A 10 3.70 -0.82 7.79
CA LEU A 10 4.53 0.38 7.91
C LEU A 10 4.67 1.08 6.57
N PRO A 11 4.88 2.40 6.61
CA PRO A 11 5.04 3.22 5.40
C PRO A 11 6.34 2.92 4.67
N VAL A 12 6.39 1.79 3.98
CA VAL A 12 7.58 1.40 3.23
C VAL A 12 7.29 1.34 1.74
N CYS A 13 6.02 1.15 1.38
CA CYS A 13 5.62 1.07 -0.02
C CYS A 13 5.63 2.45 -0.66
N GLY A 14 5.29 3.47 0.13
CA GLY A 14 5.27 4.83 -0.38
C GLY A 14 4.45 4.97 -1.65
N GLU A 15 3.43 4.12 -1.78
CA GLU A 15 2.57 4.14 -2.95
C GLU A 15 1.10 4.11 -2.55
N THR A 16 0.56 5.26 -2.20
CA THR A 16 -0.84 5.36 -1.79
C THR A 16 -1.77 4.86 -2.88
N CYS A 17 -2.42 3.73 -2.63
CA CYS A 17 -3.34 3.15 -3.60
C CYS A 17 -4.66 3.92 -3.63
N THR A 18 -5.22 4.09 -4.83
CA THR A 18 -6.47 4.81 -5.00
C THR A 18 -7.51 3.94 -5.69
N LEU A 19 -7.28 2.64 -5.70
CA LEU A 19 -8.20 1.69 -6.33
C LEU A 19 -8.40 0.46 -5.45
N GLY A 20 -8.03 0.57 -4.18
CA GLY A 20 -8.18 -0.54 -3.26
C GLY A 20 -7.20 -1.66 -3.55
N THR A 21 -5.97 -1.30 -3.89
CA THR A 21 -4.94 -2.29 -4.20
C THR A 21 -3.61 -1.62 -4.53
N CYS A 22 -2.59 -1.92 -3.74
CA CYS A 22 -1.27 -1.35 -3.95
C CYS A 22 -0.77 -1.61 -5.36
N SER A 23 0.07 -0.72 -5.87
CA SER A 23 0.62 -0.86 -7.22
C SER A 23 1.61 -2.00 -7.29
N THR A 24 2.47 -2.11 -6.27
CA THR A 24 3.47 -3.16 -6.23
C THR A 24 2.83 -4.52 -5.96
N GLN A 25 3.65 -5.56 -5.92
CA GLN A 25 3.16 -6.91 -5.68
C GLN A 25 3.64 -7.43 -4.33
N GLY A 26 2.81 -7.26 -3.30
CA GLY A 26 3.18 -7.72 -1.97
C GLY A 26 2.64 -6.81 -0.88
N CYS A 27 2.67 -5.51 -1.14
CA CYS A 27 2.19 -4.53 -0.17
C CYS A 27 0.70 -4.70 0.10
N THR A 28 0.19 -3.98 1.08
CA THR A 28 -1.22 -4.07 1.44
C THR A 28 -1.78 -2.69 1.77
N CYS A 29 -2.95 -2.38 1.21
CA CYS A 29 -3.60 -1.09 1.46
C CYS A 29 -4.13 -1.00 2.88
N SER A 1 -3.77 0.12 4.25
CA SER A 1 -4.52 1.12 5.01
C SER A 1 -5.38 1.97 4.08
N TRP A 2 -4.78 2.41 2.98
CA TRP A 2 -5.48 3.24 2.01
C TRP A 2 -5.88 4.58 2.62
N PRO A 3 -5.65 5.67 1.87
CA PRO A 3 -5.05 5.59 0.52
C PRO A 3 -3.58 5.19 0.57
N ILE A 4 -2.97 5.33 1.74
CA ILE A 4 -1.57 4.98 1.93
C ILE A 4 -1.35 3.48 1.78
N CYS A 5 -0.16 3.10 1.31
CA CYS A 5 0.17 1.69 1.11
C CYS A 5 1.06 1.19 2.25
N LYS A 6 0.82 -0.05 2.67
CA LYS A 6 1.60 -0.66 3.74
C LYS A 6 1.76 -2.16 3.51
N ARG A 7 3.01 -2.61 3.49
CA ARG A 7 3.30 -4.02 3.29
C ARG A 7 2.78 -4.87 4.45
N ASN A 8 3.38 -4.67 5.62
CA ASN A 8 2.97 -5.41 6.81
C ASN A 8 2.33 -4.49 7.84
N GLY A 9 1.79 -3.36 7.36
CA GLY A 9 1.16 -2.41 8.25
C GLY A 9 2.05 -1.22 8.56
N LEU A 10 3.08 -1.03 7.75
CA LEU A 10 4.00 0.08 7.93
C LEU A 10 4.34 0.75 6.61
N PRO A 11 4.69 2.04 6.66
CA PRO A 11 5.05 2.82 5.47
C PRO A 11 6.36 2.38 4.85
N VAL A 12 6.34 1.24 4.16
CA VAL A 12 7.55 0.71 3.52
C VAL A 12 7.34 0.53 2.02
N CYS A 13 6.32 1.21 1.50
CA CYS A 13 6.01 1.12 0.07
C CYS A 13 6.20 2.48 -0.61
N GLY A 14 5.79 3.55 0.08
CA GLY A 14 5.93 4.87 -0.46
C GLY A 14 4.98 5.12 -1.63
N GLU A 15 3.83 4.46 -1.60
CA GLU A 15 2.84 4.61 -2.67
C GLU A 15 1.44 4.83 -2.09
N THR A 16 0.49 5.13 -2.96
CA THR A 16 -0.88 5.37 -2.54
C THR A 16 -1.88 4.69 -3.48
N CYS A 17 -2.61 3.72 -2.95
CA CYS A 17 -3.59 2.99 -3.76
C CYS A 17 -4.95 3.67 -3.69
N THR A 18 -5.66 3.69 -4.81
CA THR A 18 -6.98 4.31 -4.89
C THR A 18 -8.04 3.29 -5.26
N LEU A 19 -7.71 2.01 -5.12
CA LEU A 19 -8.64 0.93 -5.44
C LEU A 19 -8.58 -0.17 -4.39
N GLY A 20 -7.97 0.14 -3.25
CA GLY A 20 -7.85 -0.83 -2.18
C GLY A 20 -6.81 -1.89 -2.47
N THR A 21 -5.69 -1.48 -3.06
CA THR A 21 -4.62 -2.39 -3.38
C THR A 21 -3.45 -1.67 -4.05
N CYS A 22 -2.24 -1.97 -3.61
CA CYS A 22 -1.04 -1.35 -4.15
C CYS A 22 -0.81 -1.77 -5.60
N SER A 23 0.35 -1.41 -6.14
CA SER A 23 0.69 -1.75 -7.51
C SER A 23 2.14 -2.20 -7.62
N THR A 24 2.66 -2.78 -6.54
CA THR A 24 4.03 -3.25 -6.51
C THR A 24 4.10 -4.77 -6.38
N GLN A 25 2.94 -5.39 -6.23
CA GLN A 25 2.86 -6.84 -6.10
C GLN A 25 3.57 -7.31 -4.82
N GLY A 26 3.57 -6.45 -3.81
CA GLY A 26 4.22 -6.79 -2.55
C GLY A 26 3.90 -5.81 -1.45
N CYS A 27 2.74 -5.17 -1.55
CA CYS A 27 2.32 -4.19 -0.55
C CYS A 27 0.80 -4.23 -0.36
N THR A 28 0.34 -3.77 0.80
CA THR A 28 -1.08 -3.76 1.11
C THR A 28 -1.59 -2.32 1.27
N CYS A 29 -2.83 -2.19 1.75
CA CYS A 29 -3.43 -0.87 1.94
C CYS A 29 -4.19 -0.82 3.27
N SER A 1 -3.58 -0.05 3.88
CA SER A 1 -4.10 1.08 4.61
C SER A 1 -4.58 2.18 3.65
N TRP A 2 -5.46 1.80 2.73
CA TRP A 2 -5.99 2.75 1.75
C TRP A 2 -6.41 4.04 2.42
N PRO A 3 -6.09 5.18 1.78
CA PRO A 3 -5.37 5.19 0.51
C PRO A 3 -3.92 4.74 0.66
N ILE A 4 -3.26 5.23 1.71
CA ILE A 4 -1.87 4.88 1.97
C ILE A 4 -1.63 3.38 1.78
N CYS A 5 -0.38 3.01 1.52
CA CYS A 5 -0.02 1.61 1.32
C CYS A 5 1.04 1.17 2.33
N LYS A 6 0.97 -0.08 2.75
CA LYS A 6 1.92 -0.63 3.70
C LYS A 6 2.03 -2.14 3.55
N ARG A 7 3.27 -2.63 3.57
CA ARG A 7 3.52 -4.06 3.44
C ARG A 7 3.22 -4.79 4.75
N ASN A 8 4.02 -4.52 5.77
CA ASN A 8 3.85 -5.15 7.08
C ASN A 8 3.33 -4.15 8.10
N GLY A 9 2.46 -3.25 7.65
CA GLY A 9 1.91 -2.24 8.54
C GLY A 9 2.87 -1.10 8.79
N LEU A 10 3.83 -0.93 7.90
CA LEU A 10 4.82 0.14 8.02
C LEU A 10 5.04 0.84 6.68
N PRO A 11 5.44 2.11 6.74
CA PRO A 11 5.70 2.91 5.54
C PRO A 11 6.95 2.46 4.80
N VAL A 12 6.84 1.33 4.10
CA VAL A 12 7.96 0.79 3.35
C VAL A 12 7.69 0.84 1.85
N CYS A 13 6.41 0.85 1.48
CA CYS A 13 6.01 0.89 0.08
C CYS A 13 6.11 2.32 -0.47
N GLY A 14 5.69 3.28 0.35
CA GLY A 14 5.74 4.66 -0.07
C GLY A 14 4.87 4.94 -1.28
N GLU A 15 3.62 4.47 -1.23
CA GLU A 15 2.69 4.66 -2.33
C GLU A 15 1.26 4.84 -1.82
N THR A 16 0.36 5.24 -2.70
CA THR A 16 -1.03 5.45 -2.34
C THR A 16 -1.97 4.82 -3.35
N CYS A 17 -2.66 3.76 -2.94
CA CYS A 17 -3.60 3.07 -3.83
C CYS A 17 -4.94 3.78 -3.85
N THR A 18 -5.53 3.88 -5.04
CA THR A 18 -6.82 4.54 -5.21
C THR A 18 -7.84 3.59 -5.82
N LEU A 19 -7.53 2.30 -5.81
CA LEU A 19 -8.42 1.29 -6.36
C LEU A 19 -8.57 0.11 -5.41
N GLY A 20 -8.05 0.27 -4.20
CA GLY A 20 -8.12 -0.79 -3.21
C GLY A 20 -7.08 -1.87 -3.43
N THR A 21 -5.87 -1.45 -3.80
CA THR A 21 -4.78 -2.39 -4.03
C THR A 21 -3.51 -1.66 -4.47
N CYS A 22 -2.45 -1.82 -3.69
CA CYS A 22 -1.18 -1.17 -3.98
C CYS A 22 -0.74 -1.48 -5.41
N SER A 23 -0.08 -0.51 -6.04
CA SER A 23 0.39 -0.68 -7.41
C SER A 23 1.46 -1.76 -7.49
N THR A 24 2.16 -1.98 -6.38
CA THR A 24 3.20 -2.99 -6.32
C THR A 24 2.63 -4.36 -5.99
N GLN A 25 3.50 -5.37 -5.93
CA GLN A 25 3.08 -6.73 -5.62
C GLN A 25 3.66 -7.20 -4.29
N GLY A 26 2.83 -7.21 -3.26
CA GLY A 26 3.28 -7.63 -1.94
C GLY A 26 2.80 -6.69 -0.85
N CYS A 27 2.57 -5.44 -1.20
CA CYS A 27 2.12 -4.45 -0.23
C CYS A 27 0.62 -4.55 0.00
N THR A 28 0.14 -3.98 1.09
CA THR A 28 -1.28 -4.01 1.43
C THR A 28 -1.79 -2.62 1.76
N CYS A 29 -3.01 -2.31 1.30
CA CYS A 29 -3.62 -1.01 1.55
C CYS A 29 -4.20 -0.94 2.96
N SER A 1 -3.35 0.22 4.10
CA SER A 1 -3.94 1.37 4.79
C SER A 1 -4.47 2.38 3.78
N TRP A 2 -5.38 1.94 2.92
CA TRP A 2 -5.96 2.81 1.91
C TRP A 2 -6.39 4.15 2.52
N PRO A 3 -6.10 5.24 1.79
CA PRO A 3 -5.42 5.18 0.49
C PRO A 3 -3.96 4.76 0.63
N ILE A 4 -3.32 5.20 1.71
CA ILE A 4 -1.92 4.86 1.96
C ILE A 4 -1.66 3.39 1.74
N CYS A 5 -0.40 3.05 1.45
CA CYS A 5 -0.02 1.66 1.22
C CYS A 5 0.95 1.18 2.30
N LYS A 6 0.78 -0.08 2.72
CA LYS A 6 1.63 -0.66 3.75
C LYS A 6 1.56 -2.19 3.70
N ARG A 7 2.70 -2.83 3.92
CA ARG A 7 2.78 -4.29 3.90
C ARG A 7 2.55 -4.86 5.30
N ASN A 8 3.55 -4.71 6.16
CA ASN A 8 3.46 -5.21 7.52
C ASN A 8 3.02 -4.11 8.48
N GLY A 9 2.21 -3.18 7.97
CA GLY A 9 1.73 -2.08 8.79
C GLY A 9 2.74 -0.96 8.93
N LEU A 10 3.74 -0.96 8.05
CA LEU A 10 4.78 0.06 8.07
C LEU A 10 5.00 0.65 6.69
N PRO A 11 5.46 1.91 6.65
CA PRO A 11 5.73 2.62 5.39
C PRO A 11 6.94 2.05 4.64
N VAL A 12 6.73 0.90 4.01
CA VAL A 12 7.80 0.25 3.26
C VAL A 12 7.43 0.11 1.79
N CYS A 13 6.59 1.02 1.31
CA CYS A 13 6.16 1.00 -0.08
C CYS A 13 6.21 2.41 -0.68
N GLY A 14 5.78 3.40 0.10
CA GLY A 14 5.78 4.77 -0.37
C GLY A 14 4.85 4.98 -1.55
N GLU A 15 3.70 4.33 -1.51
CA GLU A 15 2.71 4.45 -2.57
C GLU A 15 1.32 4.75 -2.01
N THR A 16 0.37 5.00 -2.91
CA THR A 16 -0.99 5.31 -2.50
C THR A 16 -2.00 4.67 -3.45
N CYS A 17 -2.74 3.69 -2.94
CA CYS A 17 -3.75 3.00 -3.74
C CYS A 17 -5.08 3.72 -3.68
N THR A 18 -5.71 3.91 -4.84
CA THR A 18 -6.99 4.59 -4.92
C THR A 18 -8.05 3.69 -5.55
N LEU A 19 -7.79 2.39 -5.58
CA LEU A 19 -8.71 1.42 -6.15
C LEU A 19 -8.88 0.21 -5.23
N GLY A 20 -8.30 0.29 -4.05
CA GLY A 20 -8.40 -0.80 -3.10
C GLY A 20 -7.32 -1.84 -3.29
N THR A 21 -6.12 -1.39 -3.65
CA THR A 21 -5.00 -2.30 -3.88
C THR A 21 -3.76 -1.54 -4.30
N CYS A 22 -2.62 -1.90 -3.72
CA CYS A 22 -1.36 -1.24 -4.04
C CYS A 22 -1.00 -1.44 -5.51
N SER A 23 0.16 -0.91 -5.91
CA SER A 23 0.60 -1.01 -7.30
C SER A 23 1.67 -2.10 -7.43
N THR A 24 2.61 -2.12 -6.50
CA THR A 24 3.68 -3.11 -6.51
C THR A 24 3.13 -4.52 -6.33
N GLN A 25 4.04 -5.48 -6.16
CA GLN A 25 3.64 -6.88 -5.97
C GLN A 25 4.11 -7.39 -4.62
N GLY A 26 3.86 -6.61 -3.57
CA GLY A 26 4.26 -7.00 -2.23
C GLY A 26 3.90 -5.97 -1.19
N CYS A 27 2.79 -5.27 -1.41
CA CYS A 27 2.33 -4.24 -0.49
C CYS A 27 0.80 -4.26 -0.38
N THR A 28 0.29 -3.78 0.76
CA THR A 28 -1.14 -3.74 0.99
C THR A 28 -1.63 -2.31 1.18
N CYS A 29 -2.89 -2.17 1.61
CA CYS A 29 -3.46 -0.86 1.83
C CYS A 29 -3.98 -0.72 3.26
N SER A 1 -3.47 -0.03 3.99
CA SER A 1 -3.99 1.12 4.73
C SER A 1 -4.45 2.22 3.77
N TRP A 2 -5.34 1.87 2.86
CA TRP A 2 -5.86 2.83 1.88
C TRP A 2 -6.23 4.14 2.56
N PRO A 3 -5.88 5.26 1.91
CA PRO A 3 -5.18 5.24 0.62
C PRO A 3 -3.74 4.75 0.75
N ILE A 4 -3.05 5.23 1.77
CA ILE A 4 -1.66 4.84 2.00
C ILE A 4 -1.48 3.33 1.84
N CYS A 5 -0.25 2.91 1.56
CA CYS A 5 0.05 1.49 1.38
C CYS A 5 1.12 1.04 2.38
N LYS A 6 0.97 -0.17 2.88
CA LYS A 6 1.92 -0.73 3.84
C LYS A 6 1.99 -2.25 3.71
N ARG A 7 3.20 -2.78 3.67
CA ARG A 7 3.41 -4.21 3.56
C ARG A 7 3.06 -4.92 4.85
N ASN A 8 3.93 -4.79 5.85
CA ASN A 8 3.71 -5.42 7.15
C ASN A 8 3.09 -4.43 8.14
N GLY A 9 2.44 -3.40 7.60
CA GLY A 9 1.82 -2.40 8.44
C GLY A 9 2.70 -1.19 8.66
N LEU A 10 3.71 -1.03 7.81
CA LEU A 10 4.63 0.09 7.91
C LEU A 10 4.78 0.79 6.57
N PRO A 11 5.11 2.10 6.62
CA PRO A 11 5.29 2.92 5.42
C PRO A 11 6.54 2.53 4.64
N VAL A 12 6.46 1.41 3.92
CA VAL A 12 7.58 0.93 3.12
C VAL A 12 7.18 0.70 1.67
N CYS A 13 6.10 1.35 1.26
CA CYS A 13 5.59 1.23 -0.10
C CYS A 13 5.57 2.58 -0.81
N GLY A 14 5.22 3.62 -0.05
CA GLY A 14 5.16 4.95 -0.62
C GLY A 14 4.32 5.01 -1.88
N GLU A 15 3.30 4.17 -1.95
CA GLU A 15 2.42 4.11 -3.12
C GLU A 15 0.95 4.09 -2.69
N THR A 16 0.42 5.26 -2.35
CA THR A 16 -0.96 5.36 -1.93
C THR A 16 -1.92 4.83 -3.00
N CYS A 17 -2.56 3.71 -2.71
CA CYS A 17 -3.49 3.10 -3.64
C CYS A 17 -4.82 3.85 -3.67
N THR A 18 -5.39 3.99 -4.86
CA THR A 18 -6.66 4.69 -5.01
C THR A 18 -7.70 3.79 -5.67
N LEU A 19 -7.45 2.49 -5.67
CA LEU A 19 -8.37 1.54 -6.26
C LEU A 19 -8.54 0.31 -5.36
N GLY A 20 -8.08 0.43 -4.12
CA GLY A 20 -8.18 -0.67 -3.18
C GLY A 20 -7.12 -1.73 -3.41
N THR A 21 -5.92 -1.29 -3.76
CA THR A 21 -4.81 -2.21 -4.01
C THR A 21 -3.55 -1.46 -4.40
N CYS A 22 -2.42 -1.86 -3.82
CA CYS A 22 -1.14 -1.22 -4.09
C CYS A 22 -0.70 -1.49 -5.54
N SER A 23 0.51 -1.07 -5.87
CA SER A 23 1.04 -1.26 -7.21
C SER A 23 2.45 -1.86 -7.16
N THR A 24 2.72 -2.61 -6.09
CA THR A 24 4.03 -3.24 -5.92
C THR A 24 3.90 -4.75 -5.82
N GLN A 25 2.67 -5.24 -5.88
CA GLN A 25 2.41 -6.68 -5.78
C GLN A 25 3.10 -7.28 -4.57
N GLY A 26 3.27 -6.47 -3.52
CA GLY A 26 3.91 -6.95 -2.32
C GLY A 26 3.62 -6.08 -1.11
N CYS A 27 2.50 -5.35 -1.18
CA CYS A 27 2.10 -4.48 -0.09
C CYS A 27 0.62 -4.64 0.23
N THR A 28 0.15 -3.92 1.25
CA THR A 28 -1.25 -3.99 1.65
C THR A 28 -1.80 -2.61 1.97
N CYS A 29 -2.95 -2.28 1.38
CA CYS A 29 -3.58 -0.99 1.61
C CYS A 29 -4.09 -0.87 3.04
#